data_6B5S
#
_entry.id   6B5S
#
_cell.length_a   41.960
_cell.length_b   70.817
_cell.length_c   164.901
_cell.angle_alpha   90.00
_cell.angle_beta   90.00
_cell.angle_gamma   90.00
#
_symmetry.space_group_name_H-M   'P 21 21 21'
#
loop_
_entity.id
_entity.type
_entity.pdbx_description
1 polymer 'CIS42 Fab Heavy chain'
2 polymer 'CIS42 Fab Light chain'
3 polymer 'pfCSP peptide 25: ASN-VAL-ASP-PRO-ASN-ALA-ASN-PRO-ASN-VAL-ASP-PRO-ASN'
4 non-polymer 'ISOPROPYL ALCOHOL'
5 non-polymer 'AMMONIUM ION'
6 non-polymer 'SODIUM ION'
7 water water
#
loop_
_entity_poly.entity_id
_entity_poly.type
_entity_poly.pdbx_seq_one_letter_code
_entity_poly.pdbx_strand_id
1 'polypeptide(L)'
;(PCA)VQLVQSGSELKKPGASVKVSCKTSGYTFTTYAMNWVRQAPGQGLEWMGWINTNTGNPTYAPGFTGRFVFSFDTSV
STAYLQISSLKAEDTAVYYCARVYSYGVPFDYWGQGTLVTVSSASTKGPSVFPLAPSSKSTSGGTAALGCLVKDYFPEPV
TVSWNSGALTSGVHTFPAVLQSSGLYSLSSVVTVPSSSLGTQTYICNVNHKPSNTKVDKKVEPKSC
;
H
2 'polypeptide(L)'
;QSVLTQPASVSGSPGQSITISCTATSSNVGSFNLVSWYQHHPGKAPKLIIHEVSKRPSGASNRFSGSKSGNTASLTISGL
QAEDEADYYCCSYVGSDTWVFGGGTKLTVLGQPKAAPSVTLFPPSSEELQANKATLVCLISDFYPGAVTVAWKADSSPVK
AGVETTTPSKQSNNKYAASSYLSLTPEQWKSHRSYSCQVTHEGSTVEKTVAPTECS
;
L
3 'polypeptide(L)' NVDPNANPNVDPNAN A
#
# COMPACT_ATOMS: atom_id res chain seq x y z
N VAL A 2 2.83 -25.07 -12.33
CA VAL A 2 2.12 -23.94 -12.93
C VAL A 2 2.81 -22.65 -12.51
N GLN A 3 3.23 -21.84 -13.47
CA GLN A 3 3.78 -20.52 -13.19
C GLN A 3 3.13 -19.49 -14.09
N LEU A 4 2.81 -18.33 -13.50
CA LEU A 4 2.37 -17.13 -14.20
C LEU A 4 3.33 -16.02 -13.83
N VAL A 5 4.06 -15.49 -14.82
CA VAL A 5 5.15 -14.56 -14.59
C VAL A 5 4.88 -13.30 -15.42
N GLN A 6 4.76 -12.16 -14.74
CA GLN A 6 4.34 -10.93 -15.38
C GLN A 6 5.53 -10.03 -15.64
N SER A 7 5.34 -9.08 -16.55
CA SER A 7 6.40 -8.15 -16.90
C SER A 7 6.59 -7.14 -15.79
N GLY A 8 7.62 -6.30 -15.92
CA GLY A 8 8.04 -5.42 -14.84
C GLY A 8 7.23 -4.14 -14.71
N SER A 9 7.58 -3.38 -13.67
CA SER A 9 6.88 -2.16 -13.33
C SER A 9 6.90 -1.17 -14.49
N GLU A 10 5.84 -0.38 -14.59
CA GLU A 10 5.70 0.63 -15.61
C GLU A 10 5.39 1.97 -14.98
N LEU A 11 6.00 3.01 -15.51
CA LEU A 11 5.75 4.38 -15.11
C LEU A 11 5.32 5.14 -16.36
N LYS A 12 4.12 5.71 -16.33
CA LYS A 12 3.51 6.29 -17.51
C LYS A 12 2.92 7.65 -17.19
N LYS A 13 2.83 8.49 -18.22
CA LYS A 13 2.10 9.74 -18.16
C LYS A 13 0.65 9.51 -18.53
N PRO A 14 -0.28 10.34 -18.06
CA PRO A 14 -1.66 10.24 -18.54
C PRO A 14 -1.70 10.37 -20.06
N GLY A 15 -2.60 9.61 -20.68
CA GLY A 15 -2.69 9.55 -22.13
C GLY A 15 -1.82 8.48 -22.75
N ALA A 16 -0.83 7.97 -22.04
CA ALA A 16 0.02 6.94 -22.57
C ALA A 16 -0.74 5.62 -22.68
N SER A 17 -0.09 4.64 -23.28
CA SER A 17 -0.60 3.29 -23.36
C SER A 17 0.38 2.36 -22.65
N VAL A 18 -0.12 1.20 -22.20
CA VAL A 18 0.74 0.21 -21.58
C VAL A 18 0.22 -1.18 -21.92
N LYS A 19 1.14 -2.13 -22.02
CA LYS A 19 0.83 -3.53 -22.32
C LYS A 19 1.58 -4.41 -21.32
N VAL A 20 0.83 -5.07 -20.44
CA VAL A 20 1.37 -5.98 -19.43
C VAL A 20 1.29 -7.40 -19.96
N SER A 21 2.36 -8.17 -19.81
CA SER A 21 2.39 -9.54 -20.26
C SER A 21 2.29 -10.49 -19.08
N CYS A 22 1.73 -11.67 -19.35
CA CYS A 22 1.55 -12.71 -18.33
C CYS A 22 1.92 -14.03 -19.00
N LYS A 23 3.17 -14.44 -18.80
CA LYS A 23 3.71 -15.64 -19.44
C LYS A 23 3.46 -16.85 -18.55
N THR A 24 2.85 -17.89 -19.13
CA THR A 24 2.52 -19.09 -18.37
C THR A 24 3.45 -20.23 -18.74
N SER A 25 3.57 -21.17 -17.79
CA SER A 25 4.22 -22.44 -18.05
C SER A 25 3.63 -23.48 -17.10
N GLY A 26 3.97 -24.74 -17.35
CA GLY A 26 3.54 -25.83 -16.51
C GLY A 26 2.15 -26.36 -16.79
N TYR A 27 1.45 -25.83 -17.79
CA TYR A 27 0.15 -26.36 -18.18
C TYR A 27 -0.14 -25.92 -19.62
N THR A 28 -1.19 -26.50 -20.19
CA THR A 28 -1.58 -26.15 -21.56
C THR A 28 -2.36 -24.84 -21.52
N PHE A 29 -1.78 -23.81 -22.14
CA PHE A 29 -2.30 -22.45 -22.01
C PHE A 29 -3.77 -22.37 -22.40
N THR A 30 -4.14 -23.00 -23.52
CA THR A 30 -5.50 -22.85 -24.03
C THR A 30 -6.52 -23.69 -23.26
N THR A 31 -6.10 -24.48 -22.26
CA THR A 31 -7.09 -25.26 -21.51
C THR A 31 -7.85 -24.42 -20.50
N TYR A 32 -7.23 -23.36 -19.94
CA TYR A 32 -7.83 -22.60 -18.87
C TYR A 32 -7.90 -21.12 -19.20
N ALA A 33 -8.93 -20.48 -18.66
CA ALA A 33 -9.18 -19.06 -18.83
C ALA A 33 -8.16 -18.24 -18.07
N MET A 34 -7.82 -17.07 -18.61
CA MET A 34 -6.94 -16.14 -17.93
C MET A 34 -7.74 -14.93 -17.50
N ASN A 35 -7.74 -14.66 -16.20
CA ASN A 35 -8.46 -13.55 -15.61
C ASN A 35 -7.48 -12.46 -15.20
N TRP A 36 -8.01 -11.25 -15.04
CA TRP A 36 -7.22 -10.09 -14.64
C TRP A 36 -7.88 -9.41 -13.45
N VAL A 37 -7.05 -9.02 -12.49
CA VAL A 37 -7.46 -8.45 -11.22
C VAL A 37 -6.55 -7.27 -10.91
N ARG A 38 -7.14 -6.20 -10.38
CA ARG A 38 -6.45 -4.95 -10.09
C ARG A 38 -6.53 -4.65 -8.59
N GLN A 39 -5.52 -3.94 -8.07
CA GLN A 39 -5.57 -3.39 -6.72
C GLN A 39 -5.01 -1.97 -6.76
N ALA A 40 -5.87 -0.99 -6.61
CA ALA A 40 -5.47 0.40 -6.54
C ALA A 40 -4.96 0.73 -5.14
N PRO A 41 -4.13 1.77 -5.01
CA PRO A 41 -3.58 2.12 -3.70
C PRO A 41 -4.68 2.28 -2.65
N GLY A 42 -4.46 1.65 -1.50
CA GLY A 42 -5.39 1.74 -0.38
C GLY A 42 -6.72 1.08 -0.62
N GLN A 43 -6.85 0.31 -1.71
CA GLN A 43 -8.10 -0.36 -2.06
C GLN A 43 -7.91 -1.87 -2.05
N GLY A 44 -8.99 -2.60 -2.28
CA GLY A 44 -8.97 -4.04 -2.35
C GLY A 44 -8.79 -4.54 -3.78
N LEU A 45 -8.77 -5.87 -3.90
CA LEU A 45 -8.75 -6.53 -5.20
C LEU A 45 -10.05 -6.27 -5.95
N GLU A 46 -9.94 -6.01 -7.25
CA GLU A 46 -11.11 -5.79 -8.10
C GLU A 46 -10.99 -6.63 -9.35
N TRP A 47 -11.98 -7.47 -9.59
CA TRP A 47 -12.00 -8.33 -10.76
C TRP A 47 -12.30 -7.50 -12.01
N MET A 48 -11.43 -7.62 -13.01
CA MET A 48 -11.51 -6.81 -14.22
C MET A 48 -12.18 -7.53 -15.38
N GLY A 49 -12.07 -8.84 -15.44
CA GLY A 49 -12.64 -9.61 -16.53
C GLY A 49 -11.75 -10.80 -16.83
N TRP A 50 -12.02 -11.42 -17.98
CA TRP A 50 -11.24 -12.58 -18.40
C TRP A 50 -11.34 -12.74 -19.90
N ILE A 51 -10.46 -13.58 -20.43
CA ILE A 51 -10.49 -13.95 -21.83
C ILE A 51 -10.48 -15.46 -21.94
N ASN A 52 -11.33 -15.98 -22.81
CA ASN A 52 -11.38 -17.41 -23.11
C ASN A 52 -10.24 -17.75 -24.07
N THR A 53 -9.34 -18.62 -23.65
CA THR A 53 -8.14 -18.89 -24.42
C THR A 53 -8.37 -19.89 -25.55
N ASN A 54 -9.55 -20.50 -25.65
CA ASN A 54 -9.94 -21.28 -26.83
C ASN A 54 -10.63 -20.43 -27.90
N THR A 55 -11.52 -19.53 -27.48
CA THR A 55 -12.35 -18.78 -28.42
C THR A 55 -11.89 -17.34 -28.62
N GLY A 56 -11.02 -16.83 -27.75
CA GLY A 56 -10.63 -15.44 -27.80
C GLY A 56 -11.66 -14.46 -27.28
N ASN A 57 -12.83 -14.93 -26.87
CA ASN A 57 -13.89 -14.02 -26.44
C ASN A 57 -13.51 -13.38 -25.11
N PRO A 58 -13.45 -12.04 -25.04
CA PRO A 58 -13.18 -11.39 -23.75
C PRO A 58 -14.47 -10.97 -23.04
N THR A 59 -14.42 -10.95 -21.72
CA THR A 59 -15.49 -10.46 -20.87
C THR A 59 -14.92 -9.39 -19.93
N TYR A 60 -15.51 -8.20 -19.95
CA TYR A 60 -15.01 -7.08 -19.16
C TYR A 60 -16.04 -6.70 -18.10
N ALA A 61 -15.60 -6.59 -16.86
CA ALA A 61 -16.47 -6.08 -15.82
C ALA A 61 -16.80 -4.62 -16.10
N PRO A 62 -17.95 -4.13 -15.62
CA PRO A 62 -18.20 -2.70 -15.71
C PRO A 62 -17.15 -1.95 -14.91
N GLY A 63 -16.73 -0.82 -15.44
CA GLY A 63 -15.56 -0.14 -14.96
C GLY A 63 -14.32 -0.40 -15.79
N PHE A 64 -14.30 -1.51 -16.55
CA PHE A 64 -13.14 -1.85 -17.36
C PHE A 64 -13.55 -2.07 -18.81
N THR A 65 -14.65 -1.43 -19.21
CA THR A 65 -15.17 -1.43 -20.56
C THR A 65 -14.90 -0.05 -21.16
N GLY A 66 -13.99 0.03 -22.12
CA GLY A 66 -13.73 1.26 -22.84
C GLY A 66 -12.29 1.46 -23.29
N ARG A 67 -11.33 1.16 -22.41
CA ARG A 67 -9.92 1.40 -22.68
C ARG A 67 -9.04 0.17 -22.45
N PHE A 68 -9.62 -0.97 -22.11
CA PHE A 68 -8.88 -2.17 -21.73
C PHE A 68 -9.04 -3.22 -22.80
N VAL A 69 -7.97 -3.95 -23.09
CA VAL A 69 -8.00 -5.06 -24.05
C VAL A 69 -7.26 -6.25 -23.46
N PHE A 70 -7.95 -7.38 -23.37
CA PHE A 70 -7.35 -8.67 -23.09
C PHE A 70 -7.00 -9.34 -24.41
N SER A 71 -5.80 -9.88 -24.50
CA SER A 71 -5.38 -10.62 -25.69
C SER A 71 -4.46 -11.75 -25.24
N PHE A 72 -4.05 -12.57 -26.20
CA PHE A 72 -3.05 -13.60 -25.93
C PHE A 72 -2.31 -13.94 -27.20
N ASP A 73 -1.20 -14.65 -27.03
CA ASP A 73 -0.37 -15.15 -28.12
C ASP A 73 -0.08 -16.59 -27.79
N THR A 74 -0.77 -17.52 -28.44
CA THR A 74 -0.60 -18.93 -28.10
C THR A 74 0.78 -19.44 -28.45
N SER A 75 1.51 -18.77 -29.35
CA SER A 75 2.82 -19.27 -29.75
C SER A 75 3.82 -19.21 -28.60
N VAL A 76 3.54 -18.41 -27.57
CA VAL A 76 4.42 -18.24 -26.43
C VAL A 76 3.61 -18.33 -25.14
N SER A 77 2.42 -18.89 -25.22
CA SER A 77 1.61 -19.18 -24.04
C SER A 77 1.55 -17.96 -23.12
N THR A 78 1.26 -16.80 -23.71
CA THR A 78 1.27 -15.54 -22.98
C THR A 78 -0.05 -14.81 -23.16
N ALA A 79 -0.56 -14.25 -22.06
CA ALA A 79 -1.72 -13.39 -22.07
C ALA A 79 -1.26 -11.95 -21.84
N TYR A 80 -1.99 -11.00 -22.43
CA TYR A 80 -1.65 -9.60 -22.34
C TYR A 80 -2.83 -8.77 -21.87
N LEU A 81 -2.51 -7.69 -21.16
CA LEU A 81 -3.45 -6.64 -20.81
C LEU A 81 -2.90 -5.35 -21.40
N GLN A 82 -3.69 -4.70 -22.25
CA GLN A 82 -3.33 -3.41 -22.81
C GLN A 82 -4.35 -2.37 -22.37
N ILE A 83 -3.84 -1.22 -21.91
CA ILE A 83 -4.68 -0.11 -21.48
C ILE A 83 -4.35 1.07 -22.37
N SER A 84 -5.37 1.61 -23.03
CA SER A 84 -5.25 2.83 -23.81
C SER A 84 -5.58 4.04 -22.96
N SER A 85 -5.03 5.19 -23.35
CA SER A 85 -5.40 6.49 -22.79
C SER A 85 -5.39 6.45 -21.25
N LEU A 86 -4.21 6.14 -20.71
CA LEU A 86 -4.07 5.91 -19.28
C LEU A 86 -4.50 7.13 -18.46
N LYS A 87 -5.16 6.85 -17.33
CA LYS A 87 -5.56 7.86 -16.35
C LYS A 87 -4.77 7.67 -15.05
N ALA A 88 -4.64 8.75 -14.30
CA ALA A 88 -4.00 8.66 -12.99
C ALA A 88 -4.63 7.57 -12.14
N GLU A 89 -5.95 7.45 -12.19
CA GLU A 89 -6.65 6.44 -11.40
C GLU A 89 -6.52 5.03 -11.96
N ASP A 90 -5.78 4.83 -13.05
CA ASP A 90 -5.35 3.49 -13.44
C ASP A 90 -4.16 3.02 -12.63
N THR A 91 -3.60 3.86 -11.79
CA THR A 91 -2.45 3.49 -10.97
C THR A 91 -2.86 2.33 -10.06
N ALA A 92 -2.16 1.22 -10.18
CA ALA A 92 -2.55 0.01 -9.46
C ALA A 92 -1.55 -1.09 -9.78
N VAL A 93 -1.59 -2.13 -8.96
CA VAL A 93 -0.93 -3.39 -9.28
C VAL A 93 -1.92 -4.26 -10.03
N TYR A 94 -1.52 -4.71 -11.21
CA TYR A 94 -2.34 -5.57 -12.06
C TYR A 94 -1.84 -7.01 -11.95
N TYR A 95 -2.78 -7.94 -11.74
CA TYR A 95 -2.50 -9.37 -11.62
C TYR A 95 -3.21 -10.15 -12.72
N CYS A 96 -2.53 -11.14 -13.26
CA CYS A 96 -3.20 -12.20 -14.00
C CYS A 96 -3.43 -13.39 -13.07
N ALA A 97 -4.52 -14.12 -13.32
CA ALA A 97 -4.86 -15.25 -12.48
C ALA A 97 -5.65 -16.25 -13.32
N ARG A 98 -5.29 -17.50 -13.19
CA ARG A 98 -5.96 -18.58 -13.89
C ARG A 98 -7.23 -18.99 -13.15
N VAL A 99 -8.24 -19.40 -13.92
CA VAL A 99 -9.39 -20.11 -13.39
C VAL A 99 -9.31 -21.56 -13.83
N TYR A 100 -9.38 -22.46 -12.87
CA TYR A 100 -9.37 -23.90 -13.12
C TYR A 100 -10.77 -24.43 -13.42
N SER A 101 -11.75 -24.03 -12.59
CA SER A 101 -13.13 -24.46 -12.74
C SER A 101 -14.00 -23.41 -12.06
N TYR A 102 -15.32 -23.55 -12.24
CA TYR A 102 -16.23 -22.65 -11.53
C TYR A 102 -16.03 -22.78 -10.02
N GLY A 103 -15.78 -23.99 -9.53
CA GLY A 103 -15.55 -24.18 -8.10
C GLY A 103 -14.22 -23.64 -7.63
N VAL A 104 -13.23 -23.59 -8.52
CA VAL A 104 -11.86 -23.25 -8.14
C VAL A 104 -11.37 -22.11 -9.03
N PRO A 105 -11.78 -20.88 -8.76
CA PRO A 105 -11.23 -19.75 -9.50
C PRO A 105 -9.99 -19.17 -8.85
N PHE A 106 -9.09 -18.68 -9.70
CA PHE A 106 -7.90 -17.96 -9.24
C PHE A 106 -7.00 -18.86 -8.40
N ASP A 107 -6.70 -20.07 -8.93
CA ASP A 107 -5.87 -21.01 -8.19
C ASP A 107 -4.39 -20.66 -8.29
N TYR A 108 -3.96 -20.06 -9.39
CA TYR A 108 -2.59 -19.60 -9.58
C TYR A 108 -2.62 -18.14 -10.04
N TRP A 109 -1.77 -17.32 -9.43
CA TRP A 109 -1.70 -15.89 -9.71
C TRP A 109 -0.32 -15.50 -10.21
N GLY A 110 -0.28 -14.53 -11.11
CA GLY A 110 0.95 -13.83 -11.40
C GLY A 110 1.42 -13.06 -10.19
N GLN A 111 2.66 -12.58 -10.26
CA GLN A 111 3.23 -11.88 -9.10
C GLN A 111 2.81 -10.41 -9.03
N GLY A 112 2.09 -9.91 -10.02
CA GLY A 112 1.69 -8.52 -10.03
C GLY A 112 2.61 -7.64 -10.84
N THR A 113 2.01 -6.66 -11.51
CA THR A 113 2.74 -5.63 -12.24
C THR A 113 2.23 -4.27 -11.77
N LEU A 114 3.13 -3.48 -11.21
CA LEU A 114 2.79 -2.12 -10.81
C LEU A 114 2.82 -1.21 -12.03
N VAL A 115 1.70 -0.53 -12.27
CA VAL A 115 1.62 0.49 -13.31
C VAL A 115 1.28 1.79 -12.60
N THR A 116 2.22 2.73 -12.62
CA THR A 116 2.01 4.06 -12.06
C THR A 116 1.76 5.06 -13.18
N VAL A 117 0.66 5.80 -13.07
CA VAL A 117 0.32 6.85 -14.00
C VAL A 117 0.42 8.16 -13.24
N SER A 118 1.29 9.04 -13.70
CA SER A 118 1.50 10.31 -13.02
C SER A 118 1.90 11.36 -14.05
N SER A 119 1.42 12.58 -13.83
CA SER A 119 1.84 13.72 -14.65
C SER A 119 3.19 14.29 -14.21
N ALA A 120 3.77 13.79 -13.12
CA ALA A 120 5.03 14.33 -12.64
C ALA A 120 6.18 13.97 -13.58
N SER A 121 7.19 14.84 -13.59
CA SER A 121 8.42 14.64 -14.33
C SER A 121 9.58 14.47 -13.37
N THR A 122 10.62 13.79 -13.84
CA THR A 122 11.83 13.59 -13.04
C THR A 122 12.34 14.91 -12.48
N LYS A 123 12.67 14.89 -11.19
CA LYS A 123 13.08 16.10 -10.48
C LYS A 123 13.93 15.71 -9.28
N GLY A 124 15.11 16.29 -9.16
CA GLY A 124 15.95 16.08 -7.99
C GLY A 124 15.39 16.79 -6.78
N PRO A 125 15.74 16.33 -5.59
CA PRO A 125 15.17 16.91 -4.37
C PRO A 125 15.82 18.23 -3.99
N SER A 126 15.09 18.98 -3.18
CA SER A 126 15.63 20.12 -2.44
C SER A 126 15.81 19.68 -1.00
N VAL A 127 17.05 19.75 -0.50
CA VAL A 127 17.39 19.20 0.81
C VAL A 127 17.59 20.34 1.79
N PHE A 128 16.80 20.35 2.86
CA PHE A 128 16.90 21.39 3.87
C PHE A 128 17.30 20.76 5.21
N PRO A 129 18.10 21.47 6.00
CA PRO A 129 18.53 20.92 7.28
C PRO A 129 17.43 21.05 8.32
N LEU A 130 17.32 20.04 9.17
CA LEU A 130 16.42 20.07 10.32
C LEU A 130 17.30 20.24 11.54
N ALA A 131 17.45 21.49 11.99
CA ALA A 131 18.46 21.83 12.97
C ALA A 131 18.07 21.31 14.35
N PRO A 132 19.04 20.85 15.13
CA PRO A 132 18.74 20.39 16.50
C PRO A 132 18.33 21.54 17.41
N SER A 133 17.54 21.20 18.43
CA SER A 133 17.18 22.12 19.52
C SER A 133 16.58 23.42 18.99
N SER A 138 14.55 14.94 23.92
CA SER A 138 14.31 14.77 25.35
C SER A 138 15.56 14.27 26.05
N GLY A 139 15.80 14.74 27.27
CA GLY A 139 16.98 14.32 28.00
C GLY A 139 18.26 14.84 27.37
N GLY A 140 19.32 14.05 27.50
CA GLY A 140 20.63 14.44 27.01
C GLY A 140 20.88 14.21 25.54
N THR A 141 19.85 13.83 24.78
CA THR A 141 19.98 13.54 23.35
C THR A 141 19.21 14.57 22.54
N ALA A 142 19.73 14.89 21.37
CA ALA A 142 19.12 15.86 20.47
C ALA A 142 18.80 15.19 19.14
N ALA A 143 17.73 15.65 18.50
CA ALA A 143 17.30 15.13 17.21
C ALA A 143 17.60 16.16 16.14
N LEU A 144 18.27 15.73 15.08
CA LEU A 144 18.53 16.56 13.93
C LEU A 144 18.29 15.72 12.68
N GLY A 145 18.04 16.39 11.56
CA GLY A 145 17.71 15.64 10.38
C GLY A 145 17.82 16.45 9.10
N CYS A 146 17.29 15.86 8.03
CA CYS A 146 17.21 16.47 6.72
C CYS A 146 15.83 16.23 6.13
N LEU A 147 15.26 17.28 5.57
CA LEU A 147 14.02 17.24 4.82
C LEU A 147 14.38 17.13 3.35
N VAL A 148 13.92 16.06 2.70
CA VAL A 148 14.21 15.79 1.30
C VAL A 148 12.93 16.05 0.53
N LYS A 149 12.86 17.19 -0.14
CA LYS A 149 11.61 17.80 -0.57
C LYS A 149 11.45 17.79 -2.08
N ASP A 150 10.24 17.44 -2.54
CA ASP A 150 9.79 17.68 -3.91
C ASP A 150 10.65 16.95 -4.95
N TYR A 151 10.68 15.62 -4.87
CA TYR A 151 11.42 14.84 -5.84
C TYR A 151 10.51 13.82 -6.54
N PHE A 152 10.98 13.33 -7.69
CA PHE A 152 10.25 12.33 -8.46
C PHE A 152 11.18 11.70 -9.49
N PRO A 153 11.07 10.39 -9.73
CA PRO A 153 10.26 9.40 -8.99
C PRO A 153 11.02 8.84 -7.79
N GLU A 154 10.41 7.84 -7.12
CA GLU A 154 11.14 7.07 -6.14
C GLU A 154 12.26 6.30 -6.82
N PRO A 155 13.30 5.88 -6.07
CA PRO A 155 13.56 6.06 -4.65
C PRO A 155 14.61 7.11 -4.33
N VAL A 156 14.69 7.43 -3.04
CA VAL A 156 15.77 8.20 -2.45
C VAL A 156 16.38 7.35 -1.35
N THR A 157 17.70 7.46 -1.17
CA THR A 157 18.38 6.86 -0.03
C THR A 157 19.15 7.93 0.71
N VAL A 158 19.24 7.75 2.03
CA VAL A 158 19.91 8.69 2.90
C VAL A 158 20.86 7.94 3.80
N SER A 159 22.09 8.40 3.88
CA SER A 159 23.01 7.98 4.92
C SER A 159 23.42 9.23 5.71
N TRP A 160 24.18 9.02 6.76
CA TRP A 160 24.68 10.11 7.59
C TRP A 160 26.18 9.97 7.74
N ASN A 161 26.88 11.09 7.56
CA ASN A 161 28.34 11.14 7.68
C ASN A 161 28.97 9.99 6.89
N SER A 162 28.49 9.81 5.66
CA SER A 162 29.03 8.83 4.71
C SER A 162 28.96 7.40 5.25
N GLY A 163 27.94 7.10 6.05
CA GLY A 163 27.76 5.76 6.59
C GLY A 163 28.45 5.51 7.91
N ALA A 164 29.26 6.44 8.39
CA ALA A 164 29.89 6.28 9.70
C ALA A 164 28.86 6.33 10.82
N LEU A 165 27.76 7.07 10.63
CA LEU A 165 26.75 7.26 11.66
C LEU A 165 25.51 6.46 11.26
N THR A 166 25.24 5.41 12.04
CA THR A 166 24.12 4.50 11.76
C THR A 166 23.20 4.36 12.97
N SER A 167 23.78 4.42 14.17
CA SER A 167 22.97 4.30 15.38
C SER A 167 22.11 5.54 15.55
N GLY A 168 20.82 5.33 15.83
CA GLY A 168 19.91 6.43 16.03
C GLY A 168 19.34 7.03 14.77
N VAL A 169 19.60 6.45 13.60
CA VAL A 169 19.12 6.99 12.34
C VAL A 169 17.72 6.43 12.09
N HIS A 170 16.79 7.31 11.72
CA HIS A 170 15.46 6.89 11.30
C HIS A 170 15.11 7.65 10.03
N THR A 171 15.09 6.93 8.91
CA THR A 171 14.72 7.50 7.62
C THR A 171 13.28 7.08 7.34
N PHE A 172 12.40 8.06 7.16
CA PHE A 172 10.97 7.78 7.09
C PHE A 172 10.51 7.60 5.64
N PRO A 173 9.58 6.68 5.39
CA PRO A 173 8.99 6.56 4.06
C PRO A 173 8.43 7.90 3.56
N ALA A 174 8.54 8.10 2.26
CA ALA A 174 8.14 9.36 1.65
C ALA A 174 6.62 9.50 1.64
N VAL A 175 6.18 10.75 1.70
CA VAL A 175 4.79 11.09 1.43
C VAL A 175 4.67 11.41 -0.05
N LEU A 176 3.56 10.96 -0.66
CA LEU A 176 3.23 11.32 -2.04
C LEU A 176 2.26 12.48 -1.97
N GLN A 177 2.70 13.65 -2.46
CA GLN A 177 1.89 14.87 -2.43
C GLN A 177 0.84 14.84 -3.54
N SER A 178 -0.15 15.71 -3.39
CA SER A 178 -1.18 15.84 -4.43
C SER A 178 -0.56 16.28 -5.75
N SER A 179 0.50 17.07 -5.71
CA SER A 179 1.21 17.49 -6.91
C SER A 179 1.89 16.34 -7.65
N GLY A 180 2.01 15.17 -7.03
CA GLY A 180 2.67 14.04 -7.64
C GLY A 180 4.13 13.89 -7.26
N LEU A 181 4.69 14.86 -6.55
CA LEU A 181 6.05 14.77 -6.06
C LEU A 181 6.08 14.10 -4.68
N TYR A 182 7.26 13.59 -4.33
CA TYR A 182 7.51 12.96 -3.04
C TYR A 182 8.33 13.89 -2.15
N SER A 183 8.17 13.71 -0.84
CA SER A 183 9.07 14.27 0.16
C SER A 183 9.25 13.25 1.25
N LEU A 184 10.46 13.18 1.81
CA LEU A 184 10.72 12.37 2.99
C LEU A 184 11.63 13.14 3.92
N SER A 185 11.82 12.58 5.11
CA SER A 185 12.76 13.13 6.09
C SER A 185 13.58 11.99 6.68
N SER A 186 14.81 12.32 7.04
CA SER A 186 15.66 11.43 7.82
C SER A 186 16.10 12.18 9.07
N VAL A 187 16.10 11.49 10.20
CA VAL A 187 16.40 12.12 11.48
C VAL A 187 17.33 11.19 12.25
N VAL A 188 18.27 11.79 12.98
CA VAL A 188 19.20 11.03 13.81
C VAL A 188 19.21 11.64 15.21
N THR A 189 19.25 10.78 16.21
CA THR A 189 19.33 11.20 17.60
C THR A 189 20.77 11.04 18.07
N VAL A 190 21.35 12.11 18.59
CA VAL A 190 22.76 12.10 18.96
C VAL A 190 22.92 12.73 20.34
N PRO A 191 24.06 12.52 20.99
CA PRO A 191 24.31 13.18 22.28
C PRO A 191 24.33 14.69 22.15
N SER A 192 23.56 15.36 22.99
CA SER A 192 23.55 16.81 22.97
C SER A 192 24.95 17.38 23.19
N SER A 193 25.79 16.66 23.93
CA SER A 193 27.14 17.13 24.22
C SER A 193 28.02 17.22 22.98
N SER A 194 27.65 16.53 21.89
CA SER A 194 28.48 16.47 20.71
C SER A 194 28.16 17.56 19.68
N LEU A 195 27.11 18.35 19.91
CA LEU A 195 26.67 19.28 18.87
C LEU A 195 27.70 20.36 18.59
N GLY A 196 28.55 20.68 19.57
CA GLY A 196 29.56 21.69 19.36
C GLY A 196 30.74 21.21 18.53
N THR A 197 31.09 19.93 18.69
CA THR A 197 32.30 19.37 18.09
C THR A 197 32.03 18.58 16.82
N GLN A 198 31.07 17.64 16.87
CA GLN A 198 30.86 16.71 15.76
C GLN A 198 30.05 17.35 14.64
N THR A 199 30.53 17.16 13.41
CA THR A 199 29.81 17.60 12.21
C THR A 199 28.80 16.54 11.80
N TYR A 200 27.63 16.99 11.36
CA TYR A 200 26.57 16.08 10.94
C TYR A 200 26.15 16.44 9.52
N ILE A 201 26.26 15.46 8.63
CA ILE A 201 25.96 15.62 7.21
C ILE A 201 25.07 14.46 6.80
N CYS A 202 23.92 14.77 6.20
CA CYS A 202 23.10 13.75 5.58
C CYS A 202 23.51 13.63 4.11
N ASN A 203 23.70 12.39 3.66
CA ASN A 203 24.06 12.09 2.29
C ASN A 203 22.83 11.59 1.55
N VAL A 204 22.31 12.42 0.66
CA VAL A 204 21.08 12.14 -0.06
C VAL A 204 21.42 11.69 -1.47
N ASN A 205 20.80 10.60 -1.92
CA ASN A 205 21.05 10.05 -3.25
C ASN A 205 19.73 9.83 -3.97
N HIS A 206 19.56 10.49 -5.12
CA HIS A 206 18.36 10.35 -5.96
C HIS A 206 18.84 9.93 -7.35
N LYS A 207 19.00 8.63 -7.54
CA LYS A 207 19.53 8.12 -8.80
C LYS A 207 18.70 8.52 -10.00
N PRO A 208 17.37 8.47 -9.96
CA PRO A 208 16.60 8.80 -11.17
C PRO A 208 16.92 10.15 -11.77
N SER A 209 17.33 11.13 -10.96
CA SER A 209 17.72 12.44 -11.46
C SER A 209 19.23 12.62 -11.52
N ASN A 210 20.00 11.58 -11.21
CA ASN A 210 21.47 11.66 -11.17
C ASN A 210 21.92 12.77 -10.25
N THR A 211 21.28 12.86 -9.08
CA THR A 211 21.57 13.88 -8.09
C THR A 211 22.01 13.22 -6.79
N LYS A 212 23.06 13.79 -6.19
CA LYS A 212 23.43 13.51 -4.81
C LYS A 212 23.64 14.84 -4.10
N VAL A 213 23.25 14.89 -2.83
CA VAL A 213 23.40 16.09 -2.02
C VAL A 213 23.97 15.68 -0.66
N ASP A 214 25.02 16.37 -0.24
CA ASP A 214 25.53 16.28 1.13
C ASP A 214 25.18 17.60 1.81
N LYS A 215 24.32 17.53 2.81
CA LYS A 215 23.81 18.72 3.49
C LYS A 215 24.28 18.73 4.93
N LYS A 216 25.08 19.74 5.28
CA LYS A 216 25.57 19.91 6.63
C LYS A 216 24.46 20.45 7.51
N VAL A 217 24.24 19.81 8.65
CA VAL A 217 23.15 20.15 9.56
C VAL A 217 23.79 20.66 10.86
N GLU A 218 23.70 21.96 11.09
CA GLU A 218 24.32 22.57 12.26
C GLU A 218 23.28 23.25 13.14
N PRO A 219 23.59 23.47 14.42
CA PRO A 219 22.63 24.10 15.34
C PRO A 219 22.27 25.51 14.91
N LYS A 220 21.20 26.02 15.54
CA LYS A 220 20.76 27.39 15.37
C LYS A 220 20.07 27.59 14.03
N SER B 2 -18.86 -2.88 -1.88
CA SER B 2 -18.77 -3.99 -2.82
C SER B 2 -19.99 -4.90 -2.72
N VAL B 3 -20.17 -5.73 -3.74
CA VAL B 3 -21.25 -6.71 -3.74
C VAL B 3 -21.13 -7.70 -2.58
N LEU B 4 -19.93 -7.82 -1.99
CA LEU B 4 -19.69 -8.68 -0.84
C LEU B 4 -19.09 -7.84 0.27
N THR B 5 -19.77 -7.78 1.41
CA THR B 5 -19.36 -6.95 2.53
C THR B 5 -18.54 -7.74 3.53
N GLN B 6 -17.32 -7.27 3.80
CA GLN B 6 -16.42 -7.79 4.80
C GLN B 6 -16.12 -6.71 5.84
N PRO B 7 -15.84 -7.09 7.08
CA PRO B 7 -15.32 -6.10 8.02
C PRO B 7 -13.98 -5.57 7.57
N ALA B 8 -13.78 -4.26 7.76
CA ALA B 8 -12.52 -3.65 7.34
C ALA B 8 -11.33 -4.29 8.05
N SER B 9 -11.47 -4.57 9.34
CA SER B 9 -10.36 -5.11 10.11
C SER B 9 -10.88 -6.06 11.17
N VAL B 10 -10.03 -7.04 11.51
CA VAL B 10 -10.23 -7.89 12.68
C VAL B 10 -8.85 -8.09 13.31
N SER B 11 -8.86 -8.38 14.60
CA SER B 11 -7.61 -8.57 15.33
C SER B 11 -7.79 -9.71 16.33
N GLY B 12 -6.68 -10.38 16.62
CA GLY B 12 -6.67 -11.47 17.57
C GLY B 12 -5.28 -11.69 18.12
N SER B 13 -5.22 -12.41 19.24
CA SER B 13 -3.93 -12.70 19.85
C SER B 13 -3.43 -14.07 19.40
N PRO B 14 -2.12 -14.31 19.42
CA PRO B 14 -1.63 -15.65 19.05
C PRO B 14 -2.31 -16.73 19.88
N GLY B 15 -2.66 -17.82 19.20
CA GLY B 15 -3.36 -18.92 19.81
C GLY B 15 -4.87 -18.87 19.68
N GLN B 16 -5.44 -17.68 19.63
CA GLN B 16 -6.88 -17.53 19.54
C GLN B 16 -7.40 -17.98 18.17
N SER B 17 -8.72 -18.03 18.05
CA SER B 17 -9.41 -18.18 16.78
C SER B 17 -10.11 -16.88 16.44
N ILE B 18 -10.21 -16.58 15.15
CA ILE B 18 -10.91 -15.39 14.66
C ILE B 18 -11.74 -15.79 13.46
N THR B 19 -12.80 -15.02 13.22
CA THR B 19 -13.72 -15.27 12.11
C THR B 19 -13.94 -13.98 11.32
N ILE B 20 -13.96 -14.12 10.00
CA ILE B 20 -14.14 -13.02 9.07
C ILE B 20 -15.39 -13.30 8.25
N SER B 21 -16.36 -12.39 8.31
CA SER B 21 -17.61 -12.59 7.60
C SER B 21 -17.56 -12.00 6.19
N CYS B 22 -18.48 -12.48 5.35
CA CYS B 22 -18.59 -12.08 3.94
C CYS B 22 -20.07 -12.18 3.58
N THR B 23 -20.75 -11.06 3.49
CA THR B 23 -22.19 -11.03 3.26
C THR B 23 -22.52 -10.49 1.88
N ALA B 24 -23.31 -11.25 1.13
CA ALA B 24 -23.76 -10.81 -0.18
C ALA B 24 -24.84 -9.74 -0.05
N THR B 25 -24.70 -8.67 -0.83
CA THR B 25 -25.67 -7.59 -0.87
C THR B 25 -26.49 -7.61 -2.15
N SER B 26 -26.54 -8.75 -2.84
CA SER B 26 -27.23 -8.86 -4.10
C SER B 26 -27.60 -10.31 -4.34
N SER B 27 -28.74 -10.52 -4.98
CA SER B 27 -29.16 -11.86 -5.35
C SER B 27 -28.43 -12.38 -6.58
N ASN B 28 -27.51 -11.60 -7.14
CA ASN B 28 -26.66 -12.06 -8.23
C ASN B 28 -25.82 -13.26 -7.85
N VAL B 29 -25.58 -13.49 -6.56
CA VAL B 29 -24.85 -14.67 -6.11
C VAL B 29 -25.69 -15.94 -6.21
N GLY B 30 -26.99 -15.82 -6.44
CA GLY B 30 -27.82 -17.01 -6.55
C GLY B 30 -27.77 -17.81 -5.26
N SER B 31 -27.43 -19.08 -5.37
CA SER B 31 -27.38 -19.97 -4.21
C SER B 31 -26.16 -19.76 -3.34
N PHE B 32 -25.18 -18.96 -3.79
CA PHE B 32 -24.08 -18.53 -2.92
C PHE B 32 -23.27 -19.74 -2.43
N ASN B 33 -23.02 -20.68 -3.33
CA ASN B 33 -22.21 -21.85 -3.03
C ASN B 33 -20.85 -21.85 -3.71
N LEU B 34 -20.56 -20.83 -4.53
CA LEU B 34 -19.27 -20.70 -5.18
C LEU B 34 -18.49 -19.56 -4.55
N VAL B 35 -18.23 -19.68 -3.25
CA VAL B 35 -17.54 -18.68 -2.45
C VAL B 35 -16.12 -19.18 -2.20
N SER B 36 -15.13 -18.34 -2.50
CA SER B 36 -13.74 -18.69 -2.27
C SER B 36 -13.09 -17.60 -1.43
N TRP B 37 -11.97 -17.96 -0.79
CA TRP B 37 -11.23 -17.03 0.06
C TRP B 37 -9.76 -17.02 -0.38
N TYR B 38 -9.15 -15.84 -0.29
CA TYR B 38 -7.76 -15.62 -0.65
C TYR B 38 -7.04 -14.90 0.47
N GLN B 39 -5.82 -15.34 0.75
CA GLN B 39 -4.92 -14.67 1.67
C GLN B 39 -3.95 -13.83 0.86
N HIS B 40 -3.73 -12.59 1.28
CA HIS B 40 -2.89 -11.70 0.49
C HIS B 40 -1.87 -11.01 1.39
N HIS B 41 -0.62 -11.43 1.30
CA HIS B 41 0.45 -10.68 1.93
C HIS B 41 0.94 -9.58 0.99
N PRO B 42 1.26 -8.40 1.51
CA PRO B 42 1.56 -7.27 0.63
C PRO B 42 2.76 -7.55 -0.26
N GLY B 43 2.67 -7.12 -1.52
CA GLY B 43 3.74 -7.31 -2.48
C GLY B 43 3.89 -8.73 -2.98
N LYS B 44 3.03 -9.65 -2.57
CA LYS B 44 3.06 -11.03 -3.04
C LYS B 44 1.75 -11.34 -3.77
N ALA B 45 1.73 -12.47 -4.44
CA ALA B 45 0.50 -12.84 -5.11
C ALA B 45 -0.52 -13.37 -4.11
N PRO B 46 -1.80 -13.04 -4.26
CA PRO B 46 -2.82 -13.67 -3.41
C PRO B 46 -2.76 -15.19 -3.54
N LYS B 47 -3.27 -15.86 -2.52
CA LYS B 47 -3.24 -17.31 -2.43
C LYS B 47 -4.62 -17.84 -2.09
N LEU B 48 -5.08 -18.81 -2.88
CA LEU B 48 -6.36 -19.48 -2.65
C LEU B 48 -6.26 -20.34 -1.39
N ILE B 49 -7.19 -20.16 -0.46
CA ILE B 49 -7.18 -20.94 0.78
C ILE B 49 -8.49 -21.67 1.04
N ILE B 50 -9.61 -21.25 0.44
CA ILE B 50 -10.90 -21.93 0.56
C ILE B 50 -11.63 -21.76 -0.77
N HIS B 51 -12.35 -22.80 -1.19
CA HIS B 51 -13.23 -22.69 -2.34
C HIS B 51 -14.49 -23.49 -2.07
N GLU B 52 -15.55 -23.16 -2.81
CA GLU B 52 -16.87 -23.76 -2.64
C GLU B 52 -17.28 -23.74 -1.17
N VAL B 53 -17.11 -22.57 -0.55
CA VAL B 53 -17.55 -22.23 0.81
C VAL B 53 -16.62 -22.81 1.88
N SER B 54 -16.32 -24.10 1.81
CA SER B 54 -15.64 -24.78 2.90
C SER B 54 -14.46 -25.63 2.50
N LYS B 55 -14.23 -25.85 1.21
CA LYS B 55 -13.19 -26.77 0.78
C LYS B 55 -11.83 -26.11 0.91
N ARG B 56 -10.95 -26.70 1.73
CA ARG B 56 -9.58 -26.20 1.85
C ARG B 56 -8.68 -27.12 1.04
N PRO B 57 -7.92 -26.62 0.09
CA PRO B 57 -7.10 -27.51 -0.73
C PRO B 57 -5.88 -27.99 0.02
N SER B 58 -5.39 -29.16 -0.37
CA SER B 58 -4.11 -29.61 0.13
C SER B 58 -3.05 -28.59 -0.26
N GLY B 59 -2.19 -28.24 0.69
CA GLY B 59 -1.24 -27.16 0.50
C GLY B 59 -1.65 -25.85 1.12
N ALA B 60 -2.87 -25.76 1.64
CA ALA B 60 -3.28 -24.68 2.52
C ALA B 60 -3.34 -25.20 3.94
N SER B 61 -3.01 -24.34 4.90
CA SER B 61 -2.96 -24.74 6.30
C SER B 61 -4.32 -25.28 6.76
N ASN B 62 -4.28 -26.34 7.58
CA ASN B 62 -5.52 -26.90 8.10
C ASN B 62 -6.11 -26.07 9.23
N ARG B 63 -5.53 -24.91 9.56
CA ARG B 63 -6.14 -23.98 10.50
C ARG B 63 -7.17 -23.09 9.83
N PHE B 64 -7.29 -23.14 8.50
CA PHE B 64 -8.28 -22.38 7.73
C PHE B 64 -9.53 -23.23 7.57
N SER B 65 -10.69 -22.66 7.90
CA SER B 65 -11.95 -23.31 7.60
C SER B 65 -12.98 -22.26 7.20
N GLY B 66 -14.08 -22.74 6.62
CA GLY B 66 -15.10 -21.85 6.12
C GLY B 66 -16.47 -22.48 6.22
N SER B 67 -17.49 -21.63 6.40
CA SER B 67 -18.86 -22.08 6.48
C SER B 67 -19.76 -20.96 5.98
N LYS B 68 -21.06 -21.23 5.92
CA LYS B 68 -21.99 -20.15 5.61
C LYS B 68 -23.30 -20.37 6.36
N SER B 69 -24.03 -19.27 6.50
CA SER B 69 -25.38 -19.29 7.07
C SER B 69 -26.16 -18.19 6.38
N GLY B 70 -27.28 -18.54 5.78
CA GLY B 70 -27.98 -17.57 4.97
C GLY B 70 -27.06 -17.06 3.87
N ASN B 71 -26.97 -15.74 3.75
CA ASN B 71 -26.13 -15.12 2.73
C ASN B 71 -24.82 -14.60 3.29
N THR B 72 -24.36 -15.15 4.41
CA THR B 72 -23.11 -14.73 5.04
C THR B 72 -22.16 -15.92 5.09
N ALA B 73 -21.06 -15.84 4.34
CA ALA B 73 -19.99 -16.82 4.42
C ALA B 73 -18.94 -16.34 5.40
N SER B 74 -18.33 -17.28 6.11
CA SER B 74 -17.36 -16.98 7.16
C SER B 74 -16.09 -17.80 6.97
N LEU B 75 -14.95 -17.13 7.12
CA LEU B 75 -13.64 -17.76 7.20
C LEU B 75 -13.20 -17.76 8.66
N THR B 76 -12.77 -18.91 9.16
CA THR B 76 -12.25 -19.01 10.53
C THR B 76 -10.79 -19.48 10.50
N ILE B 77 -9.96 -18.78 11.25
CA ILE B 77 -8.55 -19.13 11.41
C ILE B 77 -8.33 -19.48 12.88
N SER B 78 -7.87 -20.70 13.14
CA SER B 78 -7.61 -21.16 14.49
C SER B 78 -6.11 -21.17 14.76
N GLY B 79 -5.75 -21.22 16.04
CA GLY B 79 -4.34 -21.23 16.43
C GLY B 79 -3.59 -20.09 15.77
N LEU B 80 -4.11 -18.88 15.92
CA LEU B 80 -3.58 -17.72 15.22
C LEU B 80 -2.08 -17.62 15.41
N GLN B 81 -1.37 -17.40 14.30
CA GLN B 81 0.08 -17.25 14.28
C GLN B 81 0.45 -15.94 13.57
N ALA B 82 1.66 -15.47 13.88
CA ALA B 82 2.08 -14.16 13.37
C ALA B 82 2.02 -14.10 11.86
N GLU B 83 2.36 -15.18 11.17
CA GLU B 83 2.38 -15.14 9.71
C GLU B 83 0.99 -15.11 9.10
N ASP B 84 -0.06 -15.32 9.90
CA ASP B 84 -1.42 -15.16 9.41
C ASP B 84 -1.79 -13.69 9.18
N GLU B 85 -1.00 -12.76 9.71
CA GLU B 85 -1.27 -11.34 9.50
C GLU B 85 -1.20 -11.02 8.03
N ALA B 86 -2.30 -10.50 7.50
CA ALA B 86 -2.48 -10.33 6.06
C ALA B 86 -3.86 -9.79 5.75
N ASP B 87 -4.10 -9.52 4.47
CA ASP B 87 -5.42 -9.18 3.97
C ASP B 87 -6.10 -10.47 3.52
N TYR B 88 -7.41 -10.53 3.74
CA TYR B 88 -8.21 -11.70 3.37
C TYR B 88 -9.41 -11.23 2.55
N TYR B 89 -9.66 -11.92 1.44
CA TYR B 89 -10.72 -11.55 0.50
C TYR B 89 -11.65 -12.72 0.29
N CYS B 90 -12.95 -12.48 0.40
CA CYS B 90 -13.89 -13.45 -0.13
C CYS B 90 -14.20 -13.12 -1.57
N CYS B 91 -14.77 -14.11 -2.26
CA CYS B 91 -15.00 -14.01 -3.70
C CYS B 91 -16.18 -14.89 -4.03
N SER B 92 -17.05 -14.40 -4.91
CA SER B 92 -18.17 -15.20 -5.35
C SER B 92 -18.34 -15.12 -6.87
N TYR B 93 -18.77 -16.24 -7.45
CA TYR B 93 -19.37 -16.21 -8.77
C TYR B 93 -20.65 -15.38 -8.71
N VAL B 94 -20.92 -14.62 -9.77
CA VAL B 94 -22.10 -13.76 -9.78
C VAL B 94 -22.82 -13.87 -11.13
N GLY B 95 -22.77 -15.04 -11.75
CA GLY B 95 -23.55 -15.31 -12.93
C GLY B 95 -22.88 -14.82 -14.21
N SER B 96 -23.26 -15.44 -15.32
CA SER B 96 -22.82 -15.05 -16.66
C SER B 96 -21.30 -14.90 -16.72
N ASP B 97 -20.59 -15.88 -16.16
CA ASP B 97 -19.13 -15.94 -16.24
C ASP B 97 -18.48 -14.65 -15.73
N THR B 98 -18.98 -14.16 -14.58
CA THR B 98 -18.39 -13.02 -13.89
C THR B 98 -18.15 -13.39 -12.43
N TRP B 99 -17.14 -12.75 -11.85
CA TRP B 99 -16.78 -12.91 -10.45
C TRP B 99 -16.63 -11.54 -9.80
N VAL B 100 -16.71 -11.53 -8.46
CA VAL B 100 -16.54 -10.31 -7.68
C VAL B 100 -15.82 -10.65 -6.39
N PHE B 101 -14.95 -9.74 -5.94
CA PHE B 101 -14.28 -9.84 -4.66
C PHE B 101 -14.97 -8.98 -3.61
N GLY B 102 -14.91 -9.45 -2.36
CA GLY B 102 -15.28 -8.62 -1.23
C GLY B 102 -14.28 -7.48 -1.05
N GLY B 103 -14.64 -6.54 -0.18
CA GLY B 103 -13.79 -5.38 0.04
C GLY B 103 -12.49 -5.66 0.76
N GLY B 104 -12.34 -6.85 1.34
CA GLY B 104 -11.11 -7.19 2.04
C GLY B 104 -11.18 -6.90 3.53
N THR B 105 -10.44 -7.71 4.28
CA THR B 105 -10.35 -7.60 5.73
C THR B 105 -8.88 -7.63 6.11
N LYS B 106 -8.43 -6.58 6.81
CA LYS B 106 -7.08 -6.57 7.36
C LYS B 106 -7.08 -7.33 8.68
N LEU B 107 -6.33 -8.42 8.75
CA LEU B 107 -6.19 -9.18 9.99
C LEU B 107 -4.89 -8.78 10.68
N THR B 108 -5.00 -8.30 11.92
CA THR B 108 -3.84 -8.01 12.75
C THR B 108 -3.70 -9.10 13.81
N VAL B 109 -2.50 -9.66 13.90
CA VAL B 109 -2.14 -10.58 14.97
C VAL B 109 -1.40 -9.76 16.02
N LEU B 110 -2.03 -9.57 17.18
CA LEU B 110 -1.49 -8.74 18.24
C LEU B 110 -0.37 -9.50 18.95
N GLY B 111 0.82 -9.41 18.37
CA GLY B 111 1.99 -10.15 18.86
C GLY B 111 2.89 -9.38 19.79
N GLN B 112 2.47 -8.19 20.23
CA GLN B 112 3.33 -7.35 21.05
C GLN B 112 2.44 -6.37 21.80
N PRO B 113 2.94 -5.76 22.87
CA PRO B 113 2.12 -4.84 23.65
C PRO B 113 1.91 -3.50 22.93
N LYS B 114 0.85 -2.82 23.34
CA LYS B 114 0.60 -1.47 22.88
C LYS B 114 1.83 -0.61 23.16
N ALA B 115 2.14 0.29 22.23
CA ALA B 115 3.25 1.20 22.38
C ALA B 115 2.82 2.57 21.89
N ALA B 116 2.93 3.57 22.76
CA ALA B 116 2.53 4.90 22.41
C ALA B 116 3.53 5.50 21.43
N PRO B 117 3.07 6.39 20.54
CA PRO B 117 4.00 6.99 19.58
C PRO B 117 4.92 8.00 20.25
N SER B 118 6.15 8.05 19.78
CA SER B 118 7.03 9.17 20.06
C SER B 118 6.95 10.13 18.89
N VAL B 119 6.91 11.42 19.20
CA VAL B 119 6.61 12.46 18.21
C VAL B 119 7.70 13.52 18.28
N THR B 120 8.31 13.82 17.13
CA THR B 120 9.24 14.92 17.00
C THR B 120 8.75 15.87 15.91
N LEU B 121 8.68 17.15 16.25
CA LEU B 121 8.17 18.18 15.34
C LEU B 121 9.26 19.18 15.06
N PHE B 122 9.58 19.39 13.78
CA PHE B 122 10.55 20.41 13.40
C PHE B 122 9.84 21.58 12.72
N PRO B 123 10.30 22.81 12.98
CA PRO B 123 9.78 23.97 12.25
C PRO B 123 10.46 24.10 10.90
N PRO B 124 10.01 25.02 10.06
CA PRO B 124 10.74 25.29 8.82
C PRO B 124 12.16 25.74 9.12
N SER B 125 13.09 25.36 8.25
CA SER B 125 14.45 25.85 8.33
C SER B 125 14.52 27.28 7.81
N SER B 126 15.52 28.03 8.27
CA SER B 126 15.73 29.36 7.74
C SER B 126 16.01 29.31 6.24
N GLU B 127 16.74 28.28 5.79
CA GLU B 127 17.04 28.17 4.36
C GLU B 127 15.76 28.04 3.54
N GLU B 128 14.82 27.21 4.01
CA GLU B 128 13.56 27.07 3.29
C GLU B 128 12.75 28.35 3.38
N LEU B 129 12.72 28.99 4.54
CA LEU B 129 12.04 30.27 4.66
C LEU B 129 12.62 31.29 3.69
N GLN B 130 13.95 31.29 3.54
CA GLN B 130 14.60 32.22 2.63
C GLN B 130 14.37 31.85 1.17
N ALA B 131 13.83 30.66 0.90
CA ALA B 131 13.36 30.29 -0.43
C ALA B 131 11.86 30.51 -0.57
N ASN B 132 11.24 31.24 0.36
CA ASN B 132 9.83 31.60 0.29
C ASN B 132 8.90 30.39 0.40
N LYS B 133 9.33 29.35 1.11
CA LYS B 133 8.50 28.19 1.41
C LYS B 133 8.60 27.88 2.91
N ALA B 134 7.72 27.01 3.39
CA ALA B 134 7.69 26.67 4.82
C ALA B 134 7.02 25.31 4.99
N THR B 135 7.74 24.37 5.60
CA THR B 135 7.23 23.02 5.85
C THR B 135 7.46 22.64 7.30
N LEU B 136 6.36 22.34 8.01
CA LEU B 136 6.45 21.70 9.32
C LEU B 136 6.52 20.19 9.13
N VAL B 137 7.37 19.55 9.91
CA VAL B 137 7.68 18.14 9.74
C VAL B 137 7.39 17.44 11.06
N CYS B 138 6.44 16.52 11.05
CA CYS B 138 6.00 15.81 12.24
C CYS B 138 6.32 14.33 12.05
N LEU B 139 7.28 13.83 12.83
CA LEU B 139 7.77 12.47 12.68
C LEU B 139 7.24 11.63 13.83
N ILE B 140 6.65 10.48 13.50
CA ILE B 140 5.90 9.66 14.44
C ILE B 140 6.48 8.25 14.38
N SER B 141 6.93 7.73 15.52
CA SER B 141 7.64 6.46 15.53
C SER B 141 7.26 5.61 16.73
N ASP B 142 7.56 4.32 16.61
CA ASP B 142 7.55 3.37 17.73
C ASP B 142 6.15 3.19 18.32
N PHE B 143 5.12 3.24 17.49
CA PHE B 143 3.78 3.01 17.97
C PHE B 143 3.25 1.65 17.52
N TYR B 144 2.39 1.07 18.35
CA TYR B 144 1.75 -0.21 18.06
C TYR B 144 0.42 -0.26 18.80
N PRO B 145 -0.68 -0.68 18.14
CA PRO B 145 -0.83 -1.07 16.74
C PRO B 145 -0.51 0.05 15.75
N GLY B 146 -0.36 -0.31 14.48
CA GLY B 146 0.08 0.62 13.45
C GLY B 146 -1.05 1.41 12.83
N ALA B 147 -1.74 2.19 13.65
CA ALA B 147 -2.77 3.10 13.19
C ALA B 147 -2.73 4.36 14.03
N VAL B 148 -2.66 5.51 13.37
CA VAL B 148 -2.78 6.79 14.04
C VAL B 148 -3.59 7.72 13.15
N THR B 149 -4.08 8.80 13.76
CA THR B 149 -4.62 9.92 13.03
C THR B 149 -3.86 11.17 13.46
N VAL B 150 -3.66 12.09 12.53
CA VAL B 150 -2.87 13.28 12.77
C VAL B 150 -3.75 14.50 12.49
N ALA B 151 -3.73 15.44 13.42
CA ALA B 151 -4.39 16.72 13.25
C ALA B 151 -3.37 17.82 13.54
N TRP B 152 -3.50 18.91 12.80
CA TRP B 152 -2.65 20.08 12.94
C TRP B 152 -3.47 21.25 13.47
N LYS B 153 -2.80 22.14 14.19
CA LYS B 153 -3.42 23.36 14.67
C LYS B 153 -2.50 24.55 14.40
N ALA B 154 -3.12 25.66 13.99
CA ALA B 154 -2.48 26.98 14.00
C ALA B 154 -2.95 27.67 15.26
N ASP B 155 -2.02 27.93 16.17
CA ASP B 155 -2.37 28.29 17.54
C ASP B 155 -3.30 27.22 18.10
N SER B 156 -4.57 27.56 18.33
CA SER B 156 -5.55 26.62 18.89
C SER B 156 -6.58 26.16 17.87
N SER B 157 -6.46 26.59 16.60
CA SER B 157 -7.48 26.33 15.59
C SER B 157 -7.04 25.22 14.64
N PRO B 158 -7.95 24.33 14.25
CA PRO B 158 -7.57 23.25 13.32
C PRO B 158 -7.12 23.80 11.97
N VAL B 159 -6.16 23.10 11.38
CA VAL B 159 -5.67 23.38 10.03
C VAL B 159 -5.75 22.08 9.24
N LYS B 160 -6.46 22.10 8.11
CA LYS B 160 -6.50 20.96 7.22
C LYS B 160 -5.87 21.24 5.86
N ALA B 161 -5.81 22.50 5.45
CA ALA B 161 -5.18 22.83 4.18
C ALA B 161 -3.67 22.70 4.30
N GLY B 162 -3.06 22.06 3.30
CA GLY B 162 -1.62 21.91 3.26
C GLY B 162 -1.07 20.73 4.02
N VAL B 163 -1.92 19.81 4.47
CA VAL B 163 -1.51 18.65 5.27
C VAL B 163 -1.34 17.45 4.37
N GLU B 164 -0.17 16.79 4.47
CA GLU B 164 0.10 15.53 3.77
C GLU B 164 0.61 14.54 4.81
N THR B 165 -0.06 13.40 4.94
CA THR B 165 0.26 12.41 5.97
C THR B 165 0.41 11.02 5.33
N THR B 166 1.46 10.31 5.71
CA THR B 166 1.71 8.99 5.16
C THR B 166 0.83 7.96 5.85
N THR B 167 0.73 6.81 5.19
CA THR B 167 0.23 5.64 5.85
C THR B 167 1.26 5.15 6.87
N PRO B 168 0.85 4.39 7.87
CA PRO B 168 1.84 3.78 8.77
C PRO B 168 2.66 2.73 8.04
N SER B 169 3.94 2.67 8.37
CA SER B 169 4.84 1.69 7.79
C SER B 169 5.55 0.94 8.90
N LYS B 170 5.75 -0.35 8.70
CA LYS B 170 6.38 -1.20 9.70
C LYS B 170 7.87 -0.87 9.82
N GLN B 171 8.32 -0.65 11.06
CA GLN B 171 9.73 -0.45 11.33
C GLN B 171 10.44 -1.79 11.46
N SER B 172 11.78 -1.74 11.46
CA SER B 172 12.56 -2.97 11.61
C SER B 172 12.34 -3.62 12.97
N ASN B 173 12.00 -2.84 14.00
CA ASN B 173 11.69 -3.39 15.31
C ASN B 173 10.22 -3.77 15.47
N ASN B 174 9.47 -3.83 14.37
CA ASN B 174 8.08 -4.32 14.32
C ASN B 174 7.07 -3.35 14.93
N LYS B 175 7.49 -2.20 15.44
CA LYS B 175 6.56 -1.11 15.68
C LYS B 175 6.40 -0.34 14.37
N TYR B 176 5.57 0.71 14.38
CA TYR B 176 5.23 1.43 13.16
C TYR B 176 5.64 2.90 13.23
N ALA B 177 5.83 3.48 12.06
CA ALA B 177 6.21 4.88 11.91
C ALA B 177 5.32 5.53 10.88
N ALA B 178 5.16 6.84 11.01
CA ALA B 178 4.45 7.65 10.04
C ALA B 178 5.02 9.06 10.10
N SER B 179 4.71 9.86 9.10
CA SER B 179 5.09 11.26 9.11
C SER B 179 3.98 12.11 8.52
N SER B 180 3.97 13.36 8.91
CA SER B 180 2.96 14.31 8.45
C SER B 180 3.63 15.65 8.23
N TYR B 181 3.21 16.33 7.16
CA TYR B 181 3.83 17.57 6.71
C TYR B 181 2.75 18.63 6.56
N LEU B 182 3.03 19.82 7.07
CA LEU B 182 2.13 20.95 6.90
C LEU B 182 2.86 22.01 6.09
N SER B 183 2.33 22.30 4.90
CA SER B 183 2.90 23.31 4.02
C SER B 183 2.23 24.65 4.28
N LEU B 184 3.05 25.68 4.50
CA LEU B 184 2.56 27.03 4.78
C LEU B 184 3.36 28.03 3.96
N THR B 185 2.81 29.24 3.84
CA THR B 185 3.65 30.33 3.39
C THR B 185 4.50 30.81 4.56
N PRO B 186 5.67 31.40 4.29
CA PRO B 186 6.44 32.01 5.37
C PRO B 186 5.62 32.99 6.19
N GLU B 187 4.69 33.72 5.56
CA GLU B 187 3.91 34.71 6.29
C GLU B 187 2.93 34.03 7.25
N GLN B 188 2.29 32.95 6.82
CA GLN B 188 1.44 32.19 7.73
C GLN B 188 2.25 31.70 8.93
N TRP B 189 3.43 31.14 8.66
CA TRP B 189 4.28 30.62 9.73
C TRP B 189 4.55 31.69 10.78
N LYS B 190 4.93 32.89 10.35
CA LYS B 190 5.32 33.94 11.28
C LYS B 190 4.13 34.66 11.90
N SER B 191 2.91 34.48 11.37
CA SER B 191 1.76 35.22 11.85
C SER B 191 1.14 34.63 13.12
N HIS B 192 1.43 33.36 13.43
CA HIS B 192 0.85 32.69 14.57
C HIS B 192 1.87 32.55 15.69
N ARG B 193 1.36 32.43 16.93
CA ARG B 193 2.23 32.18 18.07
C ARG B 193 2.87 30.80 17.98
N SER B 194 2.13 29.80 17.52
CA SER B 194 2.67 28.46 17.44
C SER B 194 1.82 27.63 16.50
N TYR B 195 2.37 26.48 16.10
CA TYR B 195 1.64 25.42 15.42
C TYR B 195 1.83 24.13 16.22
N SER B 196 0.86 23.22 16.09
CA SER B 196 0.89 21.96 16.81
C SER B 196 0.60 20.80 15.87
N CYS B 197 1.34 19.71 16.07
CA CYS B 197 1.03 18.41 15.49
C CYS B 197 0.48 17.51 16.58
N GLN B 198 -0.74 16.99 16.38
CA GLN B 198 -1.44 16.16 17.36
C GLN B 198 -1.63 14.75 16.79
N VAL B 199 -1.02 13.77 17.44
CA VAL B 199 -1.07 12.38 17.01
C VAL B 199 -2.00 11.64 17.97
N THR B 200 -3.07 11.05 17.43
CA THR B 200 -4.01 10.26 18.22
C THR B 200 -3.76 8.77 17.95
N HIS B 201 -3.57 8.01 19.03
CA HIS B 201 -3.28 6.59 18.96
C HIS B 201 -4.07 5.90 20.05
N GLU B 202 -4.87 4.91 19.66
CA GLU B 202 -5.66 4.10 20.60
C GLU B 202 -6.34 4.96 21.66
N GLY B 203 -7.02 6.01 21.20
CA GLY B 203 -7.85 6.82 22.08
C GLY B 203 -7.15 7.91 22.84
N SER B 204 -5.82 7.95 22.84
CA SER B 204 -5.06 8.99 23.52
C SER B 204 -4.22 9.77 22.51
N THR B 205 -3.85 10.99 22.90
CA THR B 205 -3.24 11.94 22.00
C THR B 205 -1.94 12.48 22.56
N VAL B 206 -0.92 12.57 21.69
CA VAL B 206 0.35 13.21 22.00
C VAL B 206 0.52 14.38 21.06
N GLU B 207 0.73 15.57 21.62
CA GLU B 207 0.82 16.80 20.84
C GLU B 207 2.14 17.48 21.08
N LYS B 208 2.81 17.88 20.00
CA LYS B 208 4.01 18.69 20.09
C LYS B 208 3.76 20.04 19.42
N THR B 209 4.42 21.06 19.95
CA THR B 209 4.25 22.42 19.50
C THR B 209 5.59 23.01 19.11
N VAL B 210 5.57 23.88 18.11
CA VAL B 210 6.72 24.70 17.74
C VAL B 210 6.25 26.12 17.49
N ALA B 211 7.19 27.06 17.58
CA ALA B 211 6.90 28.48 17.48
C ALA B 211 8.01 29.15 16.67
N PRO B 212 7.66 30.18 15.88
CA PRO B 212 8.69 30.88 15.10
C PRO B 212 9.93 31.27 15.91
N THR B 213 9.78 31.47 17.21
CA THR B 213 10.92 31.59 18.13
C THR B 213 10.42 31.70 19.56
N ASN C 1 -28.16 -25.46 -12.48
CA ASN C 1 -27.24 -24.63 -11.65
C ASN C 1 -25.80 -24.89 -12.07
N VAL C 2 -24.91 -23.93 -11.80
CA VAL C 2 -23.52 -24.03 -12.26
C VAL C 2 -22.89 -25.28 -11.69
N ASP C 3 -22.22 -26.05 -12.55
CA ASP C 3 -21.48 -27.23 -12.10
C ASP C 3 -20.10 -26.81 -11.63
N PRO C 4 -19.75 -27.00 -10.36
CA PRO C 4 -18.44 -26.53 -9.87
C PRO C 4 -17.26 -27.19 -10.54
N ASN C 5 -17.42 -28.39 -11.08
CA ASN C 5 -16.34 -29.07 -11.77
C ASN C 5 -16.21 -28.65 -13.22
N ALA C 6 -17.16 -27.86 -13.73
CA ALA C 6 -17.12 -27.45 -15.14
C ALA C 6 -16.04 -26.40 -15.36
N ASN C 7 -15.51 -26.39 -16.59
CA ASN C 7 -14.46 -25.45 -16.98
C ASN C 7 -15.08 -24.32 -17.76
N PRO C 8 -15.01 -23.06 -17.29
CA PRO C 8 -15.61 -21.96 -18.06
C PRO C 8 -14.94 -21.72 -19.41
N ASN C 9 -13.72 -22.21 -19.62
CA ASN C 9 -12.94 -21.91 -20.82
C ASN C 9 -13.35 -22.77 -22.02
N VAL C 10 -14.34 -23.66 -21.89
CA VAL C 10 -14.70 -24.55 -22.98
C VAL C 10 -15.25 -23.75 -24.15
N ASP C 11 -14.95 -24.21 -25.36
CA ASP C 11 -15.60 -23.69 -26.56
C ASP C 11 -17.08 -24.02 -26.50
N PRO C 12 -17.98 -23.04 -26.52
CA PRO C 12 -19.40 -23.36 -26.40
C PRO C 12 -20.07 -23.62 -27.75
N ASN C 13 -19.30 -24.05 -28.73
CA ASN C 13 -19.85 -24.45 -30.03
C ASN C 13 -20.14 -25.95 -30.03
#